data_1Z5Y
#
_entry.id   1Z5Y
#
_cell.length_a   53.574
_cell.length_b   53.165
_cell.length_c   63.833
_cell.angle_alpha   90.00
_cell.angle_beta   104.88
_cell.angle_gamma   90.00
#
_symmetry.space_group_name_H-M   'P 1 21 1'
#
loop_
_entity.id
_entity.type
_entity.pdbx_description
1 polymer 'Thiol:disulfide interchange protein dsbD'
2 polymer 'Thiol:disulfide interchange protein dsbE'
3 non-polymer 'CHLORIDE ION'
4 non-polymer 1,2-ETHANEDIOL
5 water water
#
loop_
_entity_poly.entity_id
_entity_poly.type
_entity_poly.pdbx_seq_one_letter_code
_entity_poly.pdbx_strand_id
1 'polypeptide(L)'
;GLFDAPGRSQFVPADQAFAFDFQQNQHDLNLTWQIKDGYYLYRKQIRITPEHAKIADVQLPQGVWHEDEFYGKSEIYRDR
LTLPVTINQASAGATLTVTYQGSADAGFCYPPETKTVPLSEVVANNAAPQPVSVPQQEQPTAQ
;
D
2 'polypeptide(L)'
;KPVPKFRLESLDNPGQFYQADVLTQGKPVLLNVWATWCPTSRAEHQYLNQLSAQGIRVVGMNYKDDRQKAISWLKELGNP
YALSLFDGDGMLGLDLGVYGAPETFLIDGNGIIRYRHAGDLNPRVWEEEIKPLWEKYSKEAAQHHHHHH
;
E
#
# COMPACT_ATOMS: atom_id res chain seq x y z
N ARG A 8 -14.93 -8.72 6.19
N ARG A 8 -14.75 -9.09 6.33
CA ARG A 8 -15.40 -9.14 4.84
CA ARG A 8 -15.34 -9.21 4.96
C ARG A 8 -14.27 -9.05 3.81
C ARG A 8 -14.26 -9.13 3.89
N SER A 9 -13.15 -8.45 4.21
CA SER A 9 -12.04 -8.31 3.27
C SER A 9 -11.38 -9.63 2.91
N GLN A 10 -11.06 -9.77 1.63
CA GLN A 10 -10.42 -10.97 1.13
C GLN A 10 -8.90 -10.77 1.12
N PHE A 11 -8.45 -9.59 1.57
CA PHE A 11 -7.03 -9.28 1.60
C PHE A 11 -6.56 -9.17 3.04
N VAL A 12 -5.78 -10.16 3.46
CA VAL A 12 -5.28 -10.25 4.82
C VAL A 12 -4.20 -9.25 5.19
N PRO A 13 -3.97 -9.05 6.50
CA PRO A 13 -2.94 -8.11 6.97
C PRO A 13 -1.59 -8.44 6.33
N ALA A 14 -0.78 -7.42 6.11
CA ALA A 14 0.52 -7.61 5.47
C ALA A 14 1.36 -8.73 6.12
N ASP A 15 1.49 -8.72 7.45
CA ASP A 15 2.29 -9.75 8.13
C ASP A 15 1.79 -11.20 8.03
N GLN A 16 0.55 -11.38 7.59
CA GLN A 16 0.00 -12.71 7.42
C GLN A 16 0.28 -13.17 5.98
N ALA A 17 0.23 -12.23 5.03
CA ALA A 17 0.46 -12.59 3.64
C ALA A 17 1.96 -12.80 3.38
N PHE A 18 2.78 -12.03 4.09
CA PHE A 18 4.23 -12.11 3.94
C PHE A 18 4.79 -12.28 5.34
N ALA A 19 4.89 -13.52 5.81
CA ALA A 19 5.38 -13.78 7.16
C ALA A 19 6.90 -13.85 7.14
N PHE A 20 7.53 -12.86 7.74
CA PHE A 20 8.99 -12.75 7.75
C PHE A 20 9.66 -13.35 8.97
N ASP A 21 10.84 -13.96 8.77
CA ASP A 21 11.59 -14.52 9.90
C ASP A 21 13.07 -14.51 9.50
N PHE A 22 13.93 -14.78 10.46
CA PHE A 22 15.38 -14.83 10.21
C PHE A 22 16.04 -15.76 11.21
N GLN A 23 17.25 -16.18 10.88
CA GLN A 23 18.00 -17.06 11.76
C GLN A 23 19.45 -16.82 11.44
N GLN A 24 20.25 -16.55 12.46
CA GLN A 24 21.68 -16.30 12.24
C GLN A 24 22.45 -17.38 12.96
N ASN A 25 23.61 -17.71 12.41
CA ASN A 25 24.52 -18.65 13.04
C ASN A 25 25.87 -18.09 12.65
N GLN A 26 26.39 -17.21 13.49
CA GLN A 26 27.67 -16.57 13.22
C GLN A 26 27.69 -15.78 11.92
N HIS A 27 28.53 -16.20 10.97
CA HIS A 27 28.66 -15.48 9.70
C HIS A 27 27.51 -15.73 8.74
N ASP A 28 26.70 -16.72 9.02
CA ASP A 28 25.60 -17.05 8.12
C ASP A 28 24.25 -16.60 8.63
N LEU A 29 23.55 -15.85 7.80
CA LEU A 29 22.23 -15.38 8.14
C LEU A 29 21.26 -15.78 7.05
N ASN A 30 20.08 -16.22 7.44
N ASN A 30 20.08 -16.20 7.48
CA ASN A 30 19.08 -16.58 6.45
CA ASN A 30 19.05 -16.57 6.52
C ASN A 30 17.80 -15.78 6.69
C ASN A 30 17.84 -15.66 6.74
N LEU A 31 17.34 -15.09 5.66
CA LEU A 31 16.13 -14.26 5.76
C LEU A 31 15.08 -15.06 5.06
N THR A 32 13.89 -15.14 5.66
CA THR A 32 12.83 -15.94 5.08
C THR A 32 11.49 -15.25 5.09
N TRP A 33 10.67 -15.53 4.08
CA TRP A 33 9.30 -15.03 4.02
C TRP A 33 8.42 -16.19 3.57
N GLN A 34 7.34 -16.43 4.30
CA GLN A 34 6.36 -17.45 3.92
C GLN A 34 5.32 -16.58 3.23
N ILE A 35 5.12 -16.83 1.93
CA ILE A 35 4.21 -16.04 1.11
C ILE A 35 2.90 -16.79 0.85
N LYS A 36 1.83 -16.25 1.42
CA LYS A 36 0.50 -16.85 1.28
C LYS A 36 0.10 -17.07 -0.18
N ASP A 37 -0.56 -18.18 -0.44
CA ASP A 37 -1.00 -18.48 -1.79
C ASP A 37 -1.92 -17.36 -2.29
N GLY A 38 -1.61 -16.85 -3.48
CA GLY A 38 -2.38 -15.77 -4.05
C GLY A 38 -1.75 -14.40 -3.84
N TYR A 39 -0.55 -14.39 -3.25
CA TYR A 39 0.16 -13.13 -3.01
C TYR A 39 1.60 -13.32 -3.53
N TYR A 40 2.31 -12.21 -3.73
CA TYR A 40 3.68 -12.28 -4.23
C TYR A 40 4.49 -11.05 -3.83
N LEU A 41 5.82 -11.21 -3.81
CA LEU A 41 6.73 -10.12 -3.50
C LEU A 41 7.37 -9.70 -4.79
N TYR A 42 7.70 -8.40 -4.89
CA TYR A 42 8.38 -7.85 -6.05
C TYR A 42 9.90 -7.97 -5.82
N ARG A 43 10.58 -8.69 -6.70
N ARG A 43 10.57 -8.69 -6.70
CA ARG A 43 12.03 -8.85 -6.51
CA ARG A 43 12.02 -8.85 -6.56
C ARG A 43 12.70 -7.48 -6.46
C ARG A 43 12.70 -7.49 -6.48
N LYS A 44 12.30 -6.58 -7.36
CA LYS A 44 12.89 -5.25 -7.42
C LYS A 44 12.68 -4.36 -6.20
N GLN A 45 11.74 -4.68 -5.32
CA GLN A 45 11.50 -3.84 -4.15
C GLN A 45 12.22 -4.27 -2.86
N ILE A 46 13.05 -5.31 -2.96
CA ILE A 46 13.78 -5.78 -1.80
C ILE A 46 15.02 -4.93 -1.58
N ARG A 47 15.22 -4.43 -0.35
CA ARG A 47 16.43 -3.62 -0.09
C ARG A 47 16.97 -4.08 1.26
N ILE A 48 18.27 -4.34 1.33
CA ILE A 48 18.86 -4.83 2.57
C ILE A 48 20.00 -3.93 2.93
N THR A 49 19.93 -3.33 4.12
CA THR A 49 20.96 -2.39 4.52
C THR A 49 21.51 -2.69 5.90
N PRO A 50 22.83 -2.83 5.99
CA PRO A 50 23.43 -3.14 7.29
C PRO A 50 23.72 -1.87 8.08
N GLU A 51 23.69 -1.96 9.40
CA GLU A 51 24.01 -0.83 10.27
C GLU A 51 25.06 -1.38 11.24
N HIS A 52 26.28 -0.86 11.18
CA HIS A 52 27.36 -1.33 12.06
C HIS A 52 27.73 -2.79 11.79
N ALA A 53 27.65 -3.16 10.51
CA ALA A 53 27.99 -4.51 10.07
C ALA A 53 28.40 -4.45 8.60
N LYS A 54 29.17 -5.45 8.20
CA LYS A 54 29.67 -5.54 6.84
C LYS A 54 29.18 -6.88 6.29
N ILE A 55 28.42 -6.82 5.20
CA ILE A 55 27.89 -8.03 4.58
C ILE A 55 28.35 -8.15 3.13
N ALA A 56 28.33 -9.39 2.62
CA ALA A 56 28.70 -9.68 1.24
C ALA A 56 27.56 -9.19 0.36
N ASP A 57 27.83 -8.92 -0.90
CA ASP A 57 26.77 -8.49 -1.80
C ASP A 57 25.73 -9.61 -1.83
N VAL A 58 24.47 -9.25 -1.70
CA VAL A 58 23.43 -10.27 -1.69
C VAL A 58 22.91 -10.59 -3.10
N GLN A 59 22.86 -11.86 -3.45
CA GLN A 59 22.36 -12.26 -4.76
C GLN A 59 20.89 -12.60 -4.57
N LEU A 60 19.97 -11.91 -5.25
CA LEU A 60 18.55 -12.28 -5.10
C LEU A 60 18.35 -13.48 -6.03
N PRO A 61 17.54 -14.47 -5.62
CA PRO A 61 17.33 -15.64 -6.48
C PRO A 61 16.41 -15.40 -7.67
N GLN A 62 16.40 -16.34 -8.61
N GLN A 62 16.42 -16.31 -8.63
CA GLN A 62 15.58 -16.20 -9.82
CA GLN A 62 15.58 -16.19 -9.83
C GLN A 62 14.14 -16.50 -9.43
C GLN A 62 14.13 -16.52 -9.47
N GLY A 63 13.23 -15.55 -9.64
CA GLY A 63 11.82 -15.80 -9.31
C GLY A 63 10.99 -16.08 -10.55
N VAL A 64 9.66 -15.94 -10.46
CA VAL A 64 8.83 -16.16 -11.62
C VAL A 64 8.40 -14.80 -12.20
N TRP A 65 7.54 -14.80 -13.21
CA TRP A 65 7.18 -13.52 -13.82
C TRP A 65 5.71 -13.15 -13.74
N HIS A 66 5.45 -11.86 -13.67
CA HIS A 66 4.09 -11.34 -13.59
C HIS A 66 3.91 -10.16 -14.53
N GLU A 67 2.75 -10.05 -15.14
CA GLU A 67 2.47 -8.95 -16.06
C GLU A 67 1.29 -8.09 -15.62
N ASP A 68 1.47 -6.77 -15.70
CA ASP A 68 0.42 -5.81 -15.33
C ASP A 68 0.07 -4.99 -16.55
N GLU A 69 -1.00 -5.40 -17.24
CA GLU A 69 -1.48 -4.72 -18.45
C GLU A 69 -0.74 -3.44 -18.89
N PHE A 70 -0.80 -2.40 -18.06
CA PHE A 70 -0.15 -1.14 -18.40
C PHE A 70 1.24 -0.93 -17.81
N TYR A 71 1.59 -1.66 -16.75
CA TYR A 71 2.89 -1.49 -16.13
C TYR A 71 4.01 -2.36 -16.71
N GLY A 72 3.66 -3.49 -17.31
CA GLY A 72 4.68 -4.35 -17.87
C GLY A 72 4.92 -5.59 -17.04
N LYS A 73 6.04 -6.26 -17.32
CA LYS A 73 6.41 -7.48 -16.63
C LYS A 73 7.38 -7.22 -15.48
N SER A 74 7.17 -7.92 -14.37
N SER A 74 7.15 -7.92 -14.36
CA SER A 74 8.05 -7.78 -13.22
CA SER A 74 7.99 -7.78 -13.17
C SER A 74 8.39 -9.14 -12.65
C SER A 74 8.38 -9.15 -12.64
N GLU A 75 9.60 -9.28 -12.12
CA GLU A 75 10.03 -10.56 -11.55
C GLU A 75 9.51 -10.59 -10.10
N ILE A 76 8.75 -11.64 -9.78
CA ILE A 76 8.15 -11.81 -8.48
C ILE A 76 8.47 -13.15 -7.81
N TYR A 77 8.13 -13.24 -6.53
CA TYR A 77 8.36 -14.45 -5.74
C TYR A 77 7.07 -14.94 -5.12
N ARG A 78 6.82 -16.25 -5.20
CA ARG A 78 5.60 -16.81 -4.59
C ARG A 78 6.02 -17.93 -3.64
N ASP A 79 5.06 -18.37 -2.82
CA ASP A 79 5.23 -19.47 -1.88
C ASP A 79 6.15 -19.24 -0.71
N ARG A 80 7.41 -18.94 -1.02
CA ARG A 80 8.37 -18.69 0.04
C ARG A 80 9.59 -18.11 -0.64
N LEU A 81 10.31 -17.27 0.09
CA LEU A 81 11.56 -16.66 -0.40
C LEU A 81 12.62 -16.93 0.67
N THR A 82 13.75 -17.50 0.27
CA THR A 82 14.85 -17.80 1.17
C THR A 82 16.02 -16.99 0.65
N LEU A 83 16.58 -16.15 1.52
CA LEU A 83 17.66 -15.28 1.12
C LEU A 83 18.86 -15.36 2.08
N PRO A 84 19.93 -16.02 1.65
CA PRO A 84 21.09 -16.10 2.55
C PRO A 84 21.86 -14.79 2.49
N VAL A 85 22.47 -14.44 3.61
CA VAL A 85 23.27 -13.24 3.69
C VAL A 85 24.52 -13.64 4.45
N THR A 86 25.67 -13.15 3.98
CA THR A 86 26.90 -13.46 4.67
C THR A 86 27.33 -12.24 5.48
N ILE A 87 27.48 -12.46 6.78
N ILE A 87 27.46 -12.43 6.78
CA ILE A 87 27.88 -11.41 7.71
CA ILE A 87 27.87 -11.33 7.64
C ILE A 87 29.39 -11.54 7.89
C ILE A 87 29.35 -11.49 7.89
N ASN A 88 30.14 -10.66 7.21
CA ASN A 88 31.60 -10.70 7.32
C ASN A 88 31.99 -10.19 8.70
N GLN A 89 31.31 -9.14 9.15
CA GLN A 89 31.54 -8.59 10.49
C GLN A 89 30.29 -7.87 10.97
N ALA A 90 30.12 -7.86 12.30
CA ALA A 90 28.99 -7.18 12.91
C ALA A 90 29.37 -6.80 14.34
N SER A 91 29.30 -5.50 14.66
N SER A 91 29.26 -5.52 14.66
CA SER A 91 29.63 -5.08 16.01
CA SER A 91 29.59 -5.07 16.01
C SER A 91 28.43 -5.32 16.91
C SER A 91 28.42 -5.39 16.93
N ALA A 92 28.60 -5.11 18.21
CA ALA A 92 27.54 -5.35 19.19
C ALA A 92 26.37 -4.37 19.00
N GLY A 93 25.16 -4.90 18.81
CA GLY A 93 24.01 -4.03 18.58
C GLY A 93 23.84 -3.72 17.11
N ALA A 94 24.59 -4.41 16.23
CA ALA A 94 24.46 -4.17 14.78
C ALA A 94 23.08 -4.62 14.33
N THR A 95 22.59 -4.06 13.23
CA THR A 95 21.28 -4.41 12.73
C THR A 95 21.25 -4.53 11.20
N LEU A 96 20.20 -5.14 10.68
CA LEU A 96 20.08 -5.26 9.25
C LEU A 96 18.69 -4.77 8.93
N THR A 97 18.60 -3.73 8.12
CA THR A 97 17.31 -3.17 7.72
C THR A 97 16.88 -3.91 6.45
N VAL A 98 15.71 -4.53 6.49
CA VAL A 98 15.22 -5.31 5.36
C VAL A 98 13.88 -4.75 4.93
N THR A 99 13.82 -4.24 3.69
CA THR A 99 12.60 -3.65 3.19
C THR A 99 12.10 -4.47 1.98
N TYR A 100 10.78 -4.62 1.88
CA TYR A 100 10.20 -5.41 0.80
C TYR A 100 8.75 -4.95 0.52
N GLN A 101 8.20 -5.41 -0.59
CA GLN A 101 6.83 -5.04 -0.99
C GLN A 101 6.17 -6.12 -1.86
N GLY A 102 4.88 -6.32 -1.59
CA GLY A 102 4.13 -7.30 -2.34
C GLY A 102 2.68 -6.90 -2.59
N SER A 103 1.97 -7.74 -3.34
CA SER A 103 0.58 -7.49 -3.71
C SER A 103 -0.20 -8.80 -3.74
N ALA A 104 -1.52 -8.66 -3.92
CA ALA A 104 -2.41 -9.82 -4.02
C ALA A 104 -2.90 -9.95 -5.46
N ASP A 105 -2.94 -11.19 -5.97
CA ASP A 105 -3.37 -11.47 -7.33
C ASP A 105 -4.80 -10.98 -7.61
N ALA A 106 -5.67 -11.12 -6.63
CA ALA A 106 -7.07 -10.70 -6.80
C ALA A 106 -7.19 -9.19 -6.91
N GLY A 107 -6.07 -8.49 -6.75
CA GLY A 107 -6.10 -7.04 -6.90
C GLY A 107 -5.98 -6.15 -5.67
N PHE A 108 -4.79 -6.15 -5.04
CA PHE A 108 -4.55 -5.32 -3.87
C PHE A 108 -3.05 -5.13 -3.74
N CYS A 109 -2.64 -3.91 -3.44
CA CYS A 109 -1.21 -3.64 -3.31
C CYS A 109 -0.87 -3.15 -1.93
N TYR A 110 0.06 -3.83 -1.28
CA TYR A 110 0.48 -3.43 0.04
C TYR A 110 1.61 -2.42 -0.07
N PRO A 111 1.70 -1.51 0.91
CA PRO A 111 2.80 -0.55 0.82
C PRO A 111 4.09 -1.26 1.23
N PRO A 112 5.24 -0.62 1.02
CA PRO A 112 6.50 -1.26 1.41
C PRO A 112 6.50 -1.48 2.93
N GLU A 113 7.22 -2.49 3.40
CA GLU A 113 7.29 -2.76 4.82
C GLU A 113 8.77 -2.93 5.16
N THR A 114 9.15 -2.47 6.35
CA THR A 114 10.53 -2.56 6.79
C THR A 114 10.66 -3.31 8.12
N LYS A 115 11.59 -4.26 8.18
N LYS A 115 11.58 -4.27 8.16
CA LYS A 115 11.82 -5.01 9.40
CA LYS A 115 11.85 -5.05 9.37
C LYS A 115 13.27 -4.79 9.79
C LYS A 115 13.28 -4.75 9.79
N THR A 116 13.53 -4.72 11.09
CA THR A 116 14.86 -4.47 11.62
C THR A 116 15.32 -5.75 12.31
N VAL A 117 16.41 -6.31 11.79
CA VAL A 117 16.95 -7.55 12.31
C VAL A 117 18.13 -7.29 13.22
N PRO A 118 18.02 -7.67 14.49
CA PRO A 118 19.16 -7.45 15.39
C PRO A 118 20.21 -8.52 15.04
N LEU A 119 21.42 -8.10 14.68
CA LEU A 119 22.45 -9.08 14.34
C LEU A 119 23.24 -9.43 15.59
N SER A 120 23.58 -10.70 15.76
CA SER A 120 24.40 -11.11 16.90
C SER A 120 25.81 -10.70 16.48
N GLU A 121 26.64 -10.36 17.45
CA GLU A 121 28.00 -9.90 17.13
C GLU A 121 28.86 -10.94 16.42
N VAL A 122 29.65 -10.46 15.46
CA VAL A 122 30.52 -11.33 14.68
C VAL A 122 31.87 -10.66 14.42
N VAL A 123 32.94 -11.23 14.94
CA VAL A 123 34.25 -10.61 14.70
C VAL A 123 34.72 -11.01 13.30
N ALA A 124 35.38 -10.10 12.62
CA ALA A 124 35.86 -10.36 11.27
C ALA A 124 36.84 -11.53 11.28
N ASN A 125 36.84 -12.32 10.20
CA ASN A 125 37.73 -13.45 10.08
C ASN A 125 38.94 -13.06 9.23
N ARG B 7 -5.30 18.97 8.92
CA ARG B 7 -4.61 17.64 8.84
C ARG B 7 -4.91 16.99 7.48
N LEU B 8 -5.77 17.66 6.71
CA LEU B 8 -6.17 17.22 5.39
C LEU B 8 -5.36 18.03 4.38
N GLU B 9 -4.14 17.57 4.09
CA GLU B 9 -3.27 18.28 3.16
C GLU B 9 -3.67 18.15 1.69
N SER B 10 -3.63 19.28 0.99
CA SER B 10 -3.97 19.31 -0.43
C SER B 10 -2.87 18.67 -1.27
N LEU B 11 -3.25 18.05 -2.38
CA LEU B 11 -2.30 17.40 -3.29
C LEU B 11 -1.83 18.38 -4.37
N ASP B 12 -2.78 19.11 -4.94
CA ASP B 12 -2.49 20.08 -5.99
C ASP B 12 -1.77 21.31 -5.46
N ASN B 13 -1.82 21.51 -4.14
CA ASN B 13 -1.19 22.66 -3.50
C ASN B 13 -0.52 22.25 -2.20
N PRO B 14 0.74 21.78 -2.29
CA PRO B 14 1.54 21.33 -1.15
C PRO B 14 1.16 21.80 0.27
N GLY B 15 1.43 23.06 0.60
CA GLY B 15 1.14 23.55 1.93
C GLY B 15 -0.25 24.02 2.32
N GLN B 16 -1.30 23.54 1.64
CA GLN B 16 -2.66 23.94 1.97
C GLN B 16 -3.41 22.85 2.75
N PHE B 17 -4.03 23.23 3.86
CA PHE B 17 -4.78 22.27 4.68
C PHE B 17 -6.25 22.65 4.73
N TYR B 18 -7.11 21.64 4.82
CA TYR B 18 -8.55 21.88 4.88
C TYR B 18 -9.09 21.55 6.26
N GLN B 19 -10.22 22.16 6.60
CA GLN B 19 -10.84 21.92 7.89
C GLN B 19 -11.61 20.61 7.78
N ALA B 20 -11.55 19.81 8.84
CA ALA B 20 -12.25 18.52 8.85
C ALA B 20 -13.64 18.64 8.27
N ASP B 21 -14.34 19.72 8.60
CA ASP B 21 -15.69 19.95 8.11
C ASP B 21 -15.78 19.80 6.60
N VAL B 22 -14.77 20.29 5.90
CA VAL B 22 -14.74 20.23 4.46
C VAL B 22 -14.83 18.82 3.89
N LEU B 23 -14.37 17.84 4.66
CA LEU B 23 -14.38 16.46 4.20
C LEU B 23 -15.77 15.96 3.80
N THR B 24 -16.73 16.10 4.72
CA THR B 24 -18.09 15.64 4.45
C THR B 24 -19.08 16.79 4.25
N GLN B 25 -18.86 17.89 4.95
CA GLN B 25 -19.74 19.06 4.87
C GLN B 25 -21.16 18.63 5.18
N GLY B 26 -21.33 17.93 6.30
CA GLY B 26 -22.63 17.46 6.72
C GLY B 26 -23.38 16.60 5.73
N LYS B 27 -22.70 15.63 5.13
CA LYS B 27 -23.35 14.76 4.16
C LYS B 27 -22.45 13.57 3.83
N PRO B 28 -23.05 12.45 3.42
CA PRO B 28 -22.24 11.27 3.08
C PRO B 28 -21.16 11.55 2.02
N VAL B 29 -20.09 10.76 2.06
CA VAL B 29 -19.04 10.94 1.08
C VAL B 29 -18.24 9.65 0.95
N LEU B 30 -17.61 9.50 -0.21
CA LEU B 30 -16.79 8.33 -0.50
C LEU B 30 -15.33 8.78 -0.40
N LEU B 31 -14.49 8.00 0.26
N LEU B 31 -14.50 7.99 0.25
CA LEU B 31 -13.06 8.32 0.38
CA LEU B 31 -13.07 8.30 0.38
C LEU B 31 -12.34 7.18 -0.34
C LEU B 31 -12.34 7.17 -0.34
N ASN B 32 -11.56 7.52 -1.36
CA ASN B 32 -10.85 6.54 -2.16
C ASN B 32 -9.34 6.66 -1.95
N VAL B 33 -8.71 5.54 -1.60
CA VAL B 33 -7.27 5.50 -1.37
C VAL B 33 -6.67 4.99 -2.68
N TRP B 34 -5.66 5.69 -3.22
CA TRP B 34 -5.09 5.29 -4.50
C TRP B 34 -3.59 5.62 -4.54
N ALA B 35 -2.86 4.98 -5.45
CA ALA B 35 -1.41 5.21 -5.56
C ALA B 35 -0.93 4.92 -6.96
N THR B 36 0.01 5.71 -7.47
CA THR B 36 0.53 5.46 -8.82
C THR B 36 1.23 4.10 -8.89
N TRP B 37 1.75 3.62 -7.77
CA TRP B 37 2.45 2.34 -7.78
C TRP B 37 1.53 1.13 -7.71
N CYS B 38 0.23 1.38 -7.63
CA CYS B 38 -0.75 0.29 -7.54
C CYS B 38 -1.55 0.13 -8.83
N PRO B 39 -1.20 -0.87 -9.67
CA PRO B 39 -1.92 -1.06 -10.93
C PRO B 39 -3.44 -1.21 -10.76
N THR B 40 -3.86 -1.75 -9.62
CA THR B 40 -5.30 -1.90 -9.42
C THR B 40 -5.97 -0.52 -9.27
N SER B 41 -5.24 0.49 -8.82
CA SER B 41 -5.83 1.83 -8.69
C SER B 41 -6.12 2.33 -10.10
N ARG B 42 -5.24 2.01 -11.04
CA ARG B 42 -5.44 2.45 -12.41
C ARG B 42 -6.65 1.73 -13.00
N ALA B 43 -6.78 0.46 -12.68
CA ALA B 43 -7.88 -0.36 -13.17
C ALA B 43 -9.28 0.09 -12.74
N GLU B 44 -9.39 0.70 -11.56
CA GLU B 44 -10.69 1.14 -11.06
C GLU B 44 -10.98 2.62 -11.27
N HIS B 45 -10.00 3.35 -11.76
CA HIS B 45 -10.14 4.79 -11.94
C HIS B 45 -11.26 5.27 -12.87
N GLN B 46 -11.42 4.64 -14.03
CA GLN B 46 -12.45 5.10 -14.93
C GLN B 46 -13.82 4.96 -14.31
N TYR B 47 -14.08 3.83 -13.64
CA TYR B 47 -15.38 3.64 -13.02
C TYR B 47 -15.58 4.76 -12.01
N LEU B 48 -14.50 5.12 -11.32
CA LEU B 48 -14.54 6.17 -10.33
C LEU B 48 -14.89 7.50 -11.00
N ASN B 49 -14.32 7.77 -12.16
CA ASN B 49 -14.62 9.00 -12.87
C ASN B 49 -16.13 9.09 -13.12
N GLN B 50 -16.68 8.01 -13.66
CA GLN B 50 -18.10 7.93 -13.96
C GLN B 50 -18.96 8.15 -12.73
N LEU B 51 -18.72 7.36 -11.69
CA LEU B 51 -19.50 7.46 -10.47
C LEU B 51 -19.50 8.88 -9.95
N SER B 52 -18.38 9.57 -10.10
CA SER B 52 -18.26 10.94 -9.65
C SER B 52 -18.97 11.84 -10.67
N ALA B 53 -19.23 11.27 -11.85
CA ALA B 53 -19.91 12.00 -12.91
C ALA B 53 -21.41 11.94 -12.61
N GLN B 54 -21.82 10.88 -11.94
N GLN B 54 -21.82 10.87 -11.94
CA GLN B 54 -23.21 10.68 -11.58
CA GLN B 54 -23.21 10.67 -11.56
C GLN B 54 -23.59 11.53 -10.36
C GLN B 54 -23.61 11.55 -10.38
N GLY B 55 -22.66 12.35 -9.90
CA GLY B 55 -22.93 13.22 -8.76
C GLY B 55 -22.54 12.72 -7.38
N ILE B 56 -21.90 11.56 -7.29
CA ILE B 56 -21.45 11.05 -6.00
C ILE B 56 -20.20 11.81 -5.59
N ARG B 57 -20.20 12.37 -4.39
CA ARG B 57 -19.04 13.12 -3.91
C ARG B 57 -17.96 12.17 -3.40
N VAL B 58 -16.75 12.28 -3.96
CA VAL B 58 -15.65 11.42 -3.56
C VAL B 58 -14.38 12.20 -3.24
N VAL B 59 -13.78 11.89 -2.09
CA VAL B 59 -12.55 12.54 -1.70
C VAL B 59 -11.40 11.61 -2.14
N GLY B 60 -10.27 12.19 -2.53
CA GLY B 60 -9.14 11.39 -2.95
C GLY B 60 -8.03 11.42 -1.92
N MET B 61 -7.43 10.27 -1.64
CA MET B 61 -6.33 10.25 -0.70
C MET B 61 -5.15 9.51 -1.33
N ASN B 62 -4.20 10.28 -1.85
CA ASN B 62 -3.02 9.69 -2.47
C ASN B 62 -2.22 9.03 -1.33
N TYR B 63 -1.95 7.74 -1.48
CA TYR B 63 -1.30 6.95 -0.45
C TYR B 63 0.22 6.70 -0.60
N LYS B 64 1.00 7.16 0.37
CA LYS B 64 2.46 6.95 0.38
C LYS B 64 3.02 6.92 -1.04
N ASP B 65 2.75 7.98 -1.79
CA ASP B 65 3.11 8.10 -3.20
C ASP B 65 4.00 9.33 -3.45
N ASP B 66 4.31 9.59 -4.73
CA ASP B 66 5.10 10.75 -5.14
C ASP B 66 4.12 11.80 -5.70
N ARG B 67 4.10 13.00 -5.12
CA ARG B 67 3.19 14.05 -5.57
C ARG B 67 3.28 14.38 -7.04
N GLN B 68 4.50 14.52 -7.55
CA GLN B 68 4.67 14.83 -8.96
C GLN B 68 4.01 13.77 -9.82
N LYS B 69 4.28 12.50 -9.50
N LYS B 69 4.26 12.49 -9.53
CA LYS B 69 3.70 11.38 -10.24
CA LYS B 69 3.66 11.43 -10.32
C LYS B 69 2.19 11.37 -10.04
C LYS B 69 2.15 11.37 -10.05
N ALA B 70 1.76 11.60 -8.80
CA ALA B 70 0.35 11.58 -8.46
C ALA B 70 -0.40 12.66 -9.24
N ILE B 71 0.15 13.86 -9.24
CA ILE B 71 -0.49 14.94 -9.97
C ILE B 71 -0.54 14.60 -11.44
N SER B 72 0.57 14.13 -11.98
CA SER B 72 0.62 13.77 -13.39
C SER B 72 -0.44 12.71 -13.72
N TRP B 73 -0.56 11.75 -12.81
CA TRP B 73 -1.51 10.65 -12.95
C TRP B 73 -2.93 11.15 -13.15
N LEU B 74 -3.40 12.00 -12.25
CA LEU B 74 -4.77 12.52 -12.33
C LEU B 74 -4.96 13.36 -13.58
N LYS B 75 -3.86 13.95 -14.07
CA LYS B 75 -3.92 14.76 -15.27
C LYS B 75 -4.28 13.91 -16.48
N GLU B 76 -3.55 12.81 -16.67
CA GLU B 76 -3.79 11.92 -17.82
C GLU B 76 -4.99 11.01 -17.65
N LEU B 77 -5.40 10.75 -16.41
CA LEU B 77 -6.52 9.85 -16.20
C LEU B 77 -7.82 10.54 -15.74
N GLY B 78 -7.71 11.80 -15.34
CA GLY B 78 -8.88 12.52 -14.86
C GLY B 78 -8.88 12.63 -13.35
N ASN B 79 -9.48 13.70 -12.83
CA ASN B 79 -9.53 13.93 -11.40
C ASN B 79 -10.97 13.91 -10.90
N PRO B 80 -11.47 12.73 -10.51
CA PRO B 80 -12.84 12.59 -10.02
C PRO B 80 -13.06 13.03 -8.57
N TYR B 81 -12.04 13.62 -7.95
CA TYR B 81 -12.16 14.03 -6.56
C TYR B 81 -12.57 15.49 -6.38
N ALA B 82 -13.47 15.74 -5.43
CA ALA B 82 -13.94 17.08 -5.14
C ALA B 82 -12.97 17.65 -4.16
N LEU B 83 -12.25 16.76 -3.51
CA LEU B 83 -11.24 17.13 -2.54
C LEU B 83 -10.15 16.09 -2.80
N SER B 84 -8.96 16.55 -3.16
N SER B 84 -8.96 16.57 -3.15
CA SER B 84 -7.84 15.66 -3.45
CA SER B 84 -7.80 15.71 -3.44
C SER B 84 -6.76 15.80 -2.39
C SER B 84 -6.77 15.83 -2.33
N LEU B 85 -6.57 14.75 -1.60
CA LEU B 85 -5.61 14.77 -0.50
C LEU B 85 -4.30 14.03 -0.70
N PHE B 86 -3.32 14.40 0.12
CA PHE B 86 -1.98 13.83 0.07
C PHE B 86 -1.58 13.30 1.44
N ASP B 87 -1.25 12.01 1.48
CA ASP B 87 -0.83 11.36 2.71
C ASP B 87 0.47 10.62 2.42
N GLY B 88 1.52 11.40 2.13
CA GLY B 88 2.83 10.83 1.81
C GLY B 88 3.41 9.99 2.93
N ASP B 89 3.29 10.47 4.16
N ASP B 89 3.30 10.47 4.16
CA ASP B 89 3.80 9.78 5.33
CA ASP B 89 3.81 9.76 5.32
C ASP B 89 2.91 8.58 5.66
C ASP B 89 2.92 8.56 5.63
N GLY B 90 1.68 8.59 5.12
CA GLY B 90 0.76 7.51 5.37
C GLY B 90 0.13 7.55 6.76
N MET B 91 0.28 8.69 7.43
CA MET B 91 -0.27 8.85 8.77
C MET B 91 -1.78 8.92 8.77
N LEU B 92 -2.35 9.67 7.83
CA LEU B 92 -3.79 9.80 7.75
C LEU B 92 -4.43 8.44 7.49
N GLY B 93 -3.84 7.66 6.60
CA GLY B 93 -4.39 6.35 6.31
C GLY B 93 -4.28 5.45 7.53
N LEU B 94 -3.26 5.69 8.34
CA LEU B 94 -3.03 4.87 9.53
C LEU B 94 -4.17 4.96 10.54
N ASP B 95 -4.70 6.16 10.76
CA ASP B 95 -5.80 6.30 11.72
C ASP B 95 -7.17 6.03 11.13
N LEU B 96 -7.23 5.80 9.83
CA LEU B 96 -8.48 5.45 9.17
C LEU B 96 -8.46 3.94 9.02
N GLY B 97 -7.31 3.35 9.36
CA GLY B 97 -7.15 1.90 9.26
C GLY B 97 -6.86 1.44 7.83
N VAL B 98 -6.24 2.31 7.04
CA VAL B 98 -5.89 1.97 5.66
C VAL B 98 -4.67 1.07 5.73
N TYR B 99 -4.62 0.01 4.92
CA TYR B 99 -3.44 -0.87 4.93
C TYR B 99 -2.92 -1.25 3.54
N GLY B 100 -3.48 -0.61 2.52
CA GLY B 100 -3.07 -0.85 1.15
C GLY B 100 -4.01 -0.12 0.19
N ALA B 101 -3.85 -0.34 -1.11
CA ALA B 101 -4.71 0.27 -2.10
C ALA B 101 -5.04 -0.83 -3.07
N PRO B 102 -6.20 -0.77 -3.74
CA PRO B 102 -7.11 0.37 -3.51
C PRO B 102 -8.04 0.08 -2.34
N GLU B 103 -8.64 1.14 -1.80
CA GLU B 103 -9.63 1.01 -0.73
C GLU B 103 -10.66 2.12 -0.92
N THR B 104 -11.90 1.84 -0.57
CA THR B 104 -12.94 2.87 -0.67
C THR B 104 -13.74 2.79 0.62
N PHE B 105 -13.98 3.94 1.22
CA PHE B 105 -14.70 4.05 2.47
C PHE B 105 -15.96 4.89 2.29
N LEU B 106 -16.99 4.54 3.04
CA LEU B 106 -18.22 5.31 3.03
C LEU B 106 -18.21 6.03 4.38
N ILE B 107 -18.28 7.36 4.34
CA ILE B 107 -18.30 8.13 5.57
C ILE B 107 -19.57 8.97 5.55
N ASP B 108 -20.39 8.85 6.59
CA ASP B 108 -21.65 9.61 6.64
C ASP B 108 -21.47 11.09 6.91
N GLY B 109 -22.58 11.81 6.82
CA GLY B 109 -22.57 13.25 7.04
C GLY B 109 -21.96 13.66 8.37
N ASN B 110 -21.82 12.73 9.29
CA ASN B 110 -21.25 13.06 10.60
C ASN B 110 -19.78 12.70 10.73
N GLY B 111 -19.17 12.27 9.62
CA GLY B 111 -17.76 11.91 9.67
C GLY B 111 -17.49 10.54 10.29
N ILE B 112 -18.50 9.67 10.27
CA ILE B 112 -18.32 8.33 10.81
C ILE B 112 -18.17 7.36 9.65
N ILE B 113 -17.18 6.48 9.75
CA ILE B 113 -16.93 5.48 8.72
C ILE B 113 -18.05 4.45 8.77
N ARG B 114 -18.81 4.33 7.69
CA ARG B 114 -19.91 3.37 7.68
C ARG B 114 -19.64 2.13 6.83
N TYR B 115 -18.49 2.11 6.16
CA TYR B 115 -18.15 0.96 5.35
C TYR B 115 -16.72 1.09 4.84
N ARG B 116 -16.02 -0.04 4.75
CA ARG B 116 -14.65 -0.05 4.26
C ARG B 116 -14.54 -1.21 3.29
N HIS B 117 -14.05 -0.94 2.08
CA HIS B 117 -13.89 -1.98 1.07
C HIS B 117 -12.46 -1.98 0.55
N ALA B 118 -11.78 -3.10 0.72
CA ALA B 118 -10.40 -3.21 0.24
C ALA B 118 -10.49 -3.91 -1.10
N GLY B 119 -9.89 -3.32 -2.13
CA GLY B 119 -9.96 -3.91 -3.45
C GLY B 119 -10.63 -2.92 -4.39
N ASP B 120 -10.64 -3.24 -5.68
CA ASP B 120 -11.20 -2.33 -6.67
C ASP B 120 -12.67 -2.01 -6.45
N LEU B 121 -13.04 -0.79 -6.82
CA LEU B 121 -14.42 -0.34 -6.70
C LEU B 121 -15.00 -0.53 -8.10
N ASN B 122 -16.14 -1.21 -8.18
CA ASN B 122 -16.76 -1.46 -9.47
C ASN B 122 -18.28 -1.43 -9.34
N PRO B 123 -19.01 -1.52 -10.47
CA PRO B 123 -20.47 -1.50 -10.44
C PRO B 123 -21.05 -2.47 -9.41
N ARG B 124 -20.53 -3.68 -9.40
CA ARG B 124 -20.96 -4.74 -8.50
C ARG B 124 -20.86 -4.32 -7.03
N VAL B 125 -19.68 -3.87 -6.61
CA VAL B 125 -19.47 -3.49 -5.22
C VAL B 125 -20.31 -2.29 -4.78
N TRP B 126 -20.49 -1.32 -5.66
CA TRP B 126 -21.28 -0.14 -5.35
C TRP B 126 -22.78 -0.49 -5.31
N GLU B 127 -23.29 -1.00 -6.41
CA GLU B 127 -24.70 -1.36 -6.55
C GLU B 127 -25.04 -2.65 -5.81
N GLU B 128 -24.30 -2.95 -4.75
CA GLU B 128 -24.56 -4.17 -4.00
C GLU B 128 -24.09 -4.10 -2.55
N GLU B 129 -23.14 -3.22 -2.27
CA GLU B 129 -22.60 -3.08 -0.91
C GLU B 129 -22.61 -1.66 -0.39
N ILE B 130 -22.40 -0.70 -1.29
CA ILE B 130 -22.33 0.70 -0.90
C ILE B 130 -23.58 1.54 -1.13
N LYS B 131 -24.14 1.46 -2.33
CA LYS B 131 -25.33 2.25 -2.65
C LYS B 131 -26.41 2.19 -1.56
N PRO B 132 -26.84 0.98 -1.16
CA PRO B 132 -27.88 0.93 -0.12
C PRO B 132 -27.48 1.70 1.13
N LEU B 133 -26.22 1.57 1.54
CA LEU B 133 -25.74 2.28 2.72
C LEU B 133 -25.64 3.77 2.40
N TRP B 134 -25.39 4.08 1.14
CA TRP B 134 -25.28 5.46 0.69
C TRP B 134 -26.65 6.14 0.75
N GLU B 135 -27.68 5.44 0.30
CA GLU B 135 -29.03 5.99 0.31
C GLU B 135 -29.50 6.16 1.75
N LYS B 136 -29.20 5.17 2.58
CA LYS B 136 -29.57 5.23 3.99
C LYS B 136 -29.00 6.49 4.65
N TYR B 137 -27.69 6.67 4.57
CA TYR B 137 -27.07 7.83 5.19
C TYR B 137 -27.30 9.15 4.46
N SER B 138 -27.68 9.09 3.20
CA SER B 138 -27.97 10.31 2.45
C SER B 138 -29.32 10.81 2.95
N LYS B 139 -30.24 9.87 3.15
CA LYS B 139 -31.58 10.14 3.65
C LYS B 139 -31.45 10.55 5.12
N GLU B 140 -30.66 9.77 5.85
CA GLU B 140 -30.43 10.01 7.27
C GLU B 140 -29.74 11.35 7.49
N ALA B 141 -29.57 12.11 6.41
CA ALA B 141 -28.94 13.42 6.50
C ALA B 141 -29.97 14.46 6.06
N ALA B 142 -31.20 14.26 6.51
CA ALA B 142 -32.31 15.15 6.19
C ALA B 142 -31.99 16.60 6.59
#